data_7FNA
#
_entry.id   7FNA
#
_cell.length_a   89.142
_cell.length_b   81.276
_cell.length_c   93.195
_cell.angle_alpha   90
_cell.angle_beta   108.47
_cell.angle_gamma   90
#
_symmetry.space_group_name_H-M   'C 1 2 1'
#
loop_
_entity.id
_entity.type
_entity.pdbx_description
1 polymer 'Pre-mRNA-splicing factor 8'
2 polymer 'A1 cistron-splicing factor AAR2'
3 non-polymer 3-bromo-4-methoxy-N-methylbenzene-1-sulfonamide
4 water water
#
loop_
_entity_poly.entity_id
_entity_poly.type
_entity_poly.pdbx_seq_one_letter_code
_entity_poly.pdbx_strand_id
1 'polypeptide(L)'
;GAMNSSNYAELFNNDIKLFVDDTNVYRVTVHKTFEGNVATKAINGCIFTLNPKTGHLFLKIIHTSVWAGQKRLSQLAKWK
TAEEVSALVRSLPKEEQPKQIIVTRKAMLDPLEVHMLDFPNIAIRPTELRLPFSAAMSIDKLSDVVMKATEPQMVLFNIY
DDWLDRISSYTAFSRLTLLLRALKTNEESAKMILLSDPTITIKSYHLWPSFTDEQWITIESQMRDLILTEYGRKYNVNIS
ALTQTEIKDIILGQNIKA
;
A
2 'polypeptide(L)'
;GAMAMNTVPFTSAPIEVTIGIDQYSFNVKENQPFHGIKDIPIGHVHVIHFQHADNSSMRYGYWFDCRMGNFYIQYDPKDG
LYKMMEERDGAKFENIVHNFKERQMMVSYPKIDEDDTWYNLTEFVQMDKIRKIVRKDENQFSYVDSSMTTVQENELSSSS
SDPAHSLNYTVINFKSREAIRPGHEMEDFLDKSYYLNTVMLQGIFKNSSNYFGELQFAFLNAMFFGNYGSSLQWHAMIEL
ICSSATVPKHMLDKLDEILYYQIKTLPEQYSDILLNERVWNICLYSSFQKNSLHNTEKIMENKYPELL
;
B
#
loop_
_chem_comp.id
_chem_comp.type
_chem_comp.name
_chem_comp.formula
VZ3 non-polymer 3-bromo-4-methoxy-N-methylbenzene-1-sulfonamide 'C8 H10 Br N O3 S'
#
# COMPACT_ATOMS: atom_id res chain seq x y z
N GLY A 1 -13.51 -9.09 -2.89
CA GLY A 1 -12.77 -8.97 -1.65
C GLY A 1 -12.36 -10.30 -1.06
N ALA A 2 -12.83 -10.58 0.16
CA ALA A 2 -12.47 -11.81 0.86
C ALA A 2 -13.60 -12.83 0.76
N MET A 3 -13.21 -14.09 0.72
CA MET A 3 -14.13 -15.22 0.55
C MET A 3 -14.59 -15.72 1.92
N ASN A 4 -15.89 -15.81 2.13
CA ASN A 4 -16.41 -16.25 3.42
C ASN A 4 -17.69 -17.05 3.23
N SER A 5 -18.50 -17.12 4.29
CA SER A 5 -19.68 -17.96 4.31
C SER A 5 -20.79 -17.44 3.42
N SER A 6 -20.82 -16.14 3.13
CA SER A 6 -21.89 -15.58 2.33
C SER A 6 -21.78 -16.01 0.88
N ASN A 7 -20.55 -16.14 0.38
CA ASN A 7 -20.28 -16.41 -1.02
C ASN A 7 -19.54 -17.73 -1.19
N TYR A 8 -19.88 -18.71 -0.37
CA TYR A 8 -19.21 -20.01 -0.41
C TYR A 8 -19.38 -20.70 -1.76
N ALA A 9 -20.54 -20.53 -2.39
CA ALA A 9 -20.80 -21.27 -3.61
C ALA A 9 -20.08 -20.74 -4.85
N GLU A 10 -19.34 -19.64 -4.76
CA GLU A 10 -18.56 -19.15 -5.89
C GLU A 10 -17.40 -20.10 -6.25
N LEU A 11 -16.90 -20.82 -5.27
CA LEU A 11 -15.88 -21.85 -5.53
C LEU A 11 -16.33 -22.81 -6.63
N PHE A 12 -17.60 -23.09 -6.76
CA PHE A 12 -18.02 -24.18 -7.65
C PHE A 12 -18.63 -23.66 -8.93
N ASN A 13 -18.43 -22.39 -9.25
CA ASN A 13 -19.04 -21.91 -10.48
C ASN A 13 -17.99 -22.13 -11.55
N ASN A 14 -18.14 -21.57 -12.72
CA ASN A 14 -17.28 -21.96 -13.83
C ASN A 14 -16.18 -20.94 -14.16
N ASP A 15 -15.88 -20.04 -13.24
CA ASP A 15 -14.74 -19.15 -13.36
C ASP A 15 -13.56 -19.90 -12.78
N ILE A 16 -12.51 -20.09 -13.56
CA ILE A 16 -11.39 -20.87 -13.03
C ILE A 16 -10.77 -20.21 -11.81
N LYS A 17 -10.58 -20.98 -10.75
CA LYS A 17 -9.93 -20.40 -9.58
C LYS A 17 -9.04 -21.43 -8.90
N LEU A 18 -8.08 -20.96 -8.08
CA LEU A 18 -7.23 -21.82 -7.29
C LEU A 18 -7.15 -21.27 -5.89
N PHE A 19 -7.16 -22.20 -4.96
CA PHE A 19 -6.73 -21.97 -3.61
C PHE A 19 -5.22 -22.14 -3.59
N VAL A 20 -4.54 -21.27 -2.87
CA VAL A 20 -3.11 -21.45 -2.61
C VAL A 20 -2.96 -21.54 -1.10
N ASP A 21 -2.45 -22.68 -0.61
CA ASP A 21 -2.12 -22.87 0.79
C ASP A 21 -0.62 -22.99 0.90
N ASP A 22 0.00 -22.14 1.72
CA ASP A 22 1.44 -22.13 1.83
C ASP A 22 1.95 -22.71 3.15
N THR A 23 1.09 -23.37 3.93
N THR A 23 1.09 -23.40 3.91
CA THR A 23 1.48 -23.78 5.27
CA THR A 23 1.41 -23.80 5.25
C THR A 23 2.65 -24.74 5.22
C THR A 23 2.38 -24.95 5.32
N ASN A 24 2.69 -25.65 4.23
CA ASN A 24 3.75 -26.66 4.25
C ASN A 24 4.88 -26.37 3.28
N VAL A 25 5.07 -25.10 2.92
CA VAL A 25 6.19 -24.74 2.08
C VAL A 25 7.52 -24.87 2.85
N TYR A 26 7.56 -24.32 4.05
CA TYR A 26 8.79 -24.22 4.82
C TYR A 26 8.56 -25.09 6.05
N ARG A 27 9.22 -26.22 6.15
CA ARG A 27 8.94 -27.14 7.25
C ARG A 27 10.28 -27.48 7.87
N VAL A 28 10.31 -27.49 9.20
CA VAL A 28 11.54 -27.76 9.93
C VAL A 28 11.31 -28.77 11.03
N THR A 29 12.41 -29.37 11.48
CA THR A 29 12.49 -30.09 12.75
C THR A 29 13.47 -29.32 13.61
N VAL A 30 13.03 -28.94 14.78
CA VAL A 30 13.84 -28.23 15.76
C VAL A 30 14.50 -29.26 16.66
N HIS A 31 15.80 -29.12 16.86
CA HIS A 31 16.53 -30.11 17.63
C HIS A 31 17.63 -29.41 18.39
N LYS A 32 18.16 -30.10 19.40
CA LYS A 32 19.26 -29.55 20.18
C LYS A 32 20.61 -29.76 19.50
N THR A 33 21.43 -28.72 19.52
CA THR A 33 22.82 -28.84 19.10
C THR A 33 23.72 -29.47 20.19
N PHE A 34 24.83 -30.05 19.76
CA PHE A 34 25.72 -30.66 20.76
C PHE A 34 26.00 -29.67 21.88
N GLU A 35 26.17 -28.40 21.54
CA GLU A 35 26.42 -27.37 22.53
C GLU A 35 25.19 -27.06 23.38
N GLY A 36 24.11 -27.80 23.22
CA GLY A 36 22.90 -27.53 23.97
C GLY A 36 22.10 -26.37 23.47
N ASN A 37 22.42 -25.87 22.30
CA ASN A 37 21.61 -24.81 21.73
C ASN A 37 20.54 -25.48 20.87
N VAL A 38 19.79 -24.70 20.15
CA VAL A 38 18.69 -25.21 19.34
C VAL A 38 18.91 -24.77 17.91
N ALA A 39 18.58 -25.64 16.97
CA ALA A 39 18.86 -25.45 15.56
C ALA A 39 17.67 -26.06 14.87
N THR A 40 17.39 -25.58 13.68
CA THR A 40 16.38 -26.19 12.84
C THR A 40 17.07 -27.05 11.80
N LYS A 41 16.35 -28.08 11.35
CA LYS A 41 16.70 -28.83 10.16
C LYS A 41 15.48 -28.74 9.26
N ALA A 42 15.64 -28.11 8.11
CA ALA A 42 14.52 -28.11 7.17
C ALA A 42 14.28 -29.49 6.56
N ILE A 43 13.02 -29.73 6.21
CA ILE A 43 12.62 -30.89 5.40
C ILE A 43 11.84 -30.39 4.21
N ASN A 44 11.67 -31.32 3.27
CA ASN A 44 11.03 -30.95 2.02
C ASN A 44 9.67 -30.40 2.31
N GLY A 45 9.24 -29.45 1.49
CA GLY A 45 7.94 -28.85 1.62
C GLY A 45 7.09 -29.01 0.36
N CYS A 46 5.91 -28.37 0.39
CA CYS A 46 5.14 -28.36 -0.83
C CYS A 46 4.13 -27.20 -0.82
N ILE A 47 3.90 -26.65 -2.02
CA ILE A 47 2.83 -25.70 -2.24
C ILE A 47 1.60 -26.49 -2.58
N PHE A 48 0.47 -26.16 -1.94
CA PHE A 48 -0.80 -26.86 -2.17
C PHE A 48 -1.63 -25.88 -2.94
N THR A 49 -1.68 -26.06 -4.27
CA THR A 49 -2.53 -25.26 -5.16
C THR A 49 -3.64 -26.14 -5.72
N LEU A 50 -4.89 -25.72 -5.49
CA LEU A 50 -6.01 -26.61 -5.78
C LEU A 50 -7.11 -25.87 -6.53
N ASN A 51 -7.63 -26.48 -7.64
CA ASN A 51 -8.88 -26.11 -8.30
C ASN A 51 -10.01 -26.85 -7.55
N PRO A 52 -10.86 -26.10 -6.81
CA PRO A 52 -11.87 -26.74 -5.96
C PRO A 52 -13.00 -27.34 -6.79
N LYS A 53 -13.11 -26.88 -8.00
CA LYS A 53 -14.15 -27.34 -8.90
C LYS A 53 -13.77 -28.69 -9.52
N THR A 54 -12.54 -28.80 -10.01
CA THR A 54 -12.06 -29.94 -10.78
C THR A 54 -11.34 -30.95 -9.92
N GLY A 55 -10.77 -30.45 -8.78
CA GLY A 55 -9.97 -31.24 -7.88
C GLY A 55 -8.53 -31.36 -8.26
N HIS A 56 -8.13 -30.61 -9.29
CA HIS A 56 -6.78 -30.68 -9.81
C HIS A 56 -5.85 -30.04 -8.80
N LEU A 57 -4.97 -30.82 -8.31
CA LEU A 57 -4.02 -30.37 -7.30
C LEU A 57 -2.66 -30.21 -7.99
N PHE A 58 -2.13 -28.97 -8.04
CA PHE A 58 -0.76 -28.73 -8.53
C PHE A 58 0.19 -28.72 -7.37
N LEU A 59 0.78 -29.87 -7.05
CA LEU A 59 1.61 -29.97 -5.86
C LEU A 59 3.08 -29.69 -6.15
N LYS A 60 3.51 -28.49 -5.82
CA LYS A 60 4.86 -28.04 -6.14
C LYS A 60 5.77 -28.43 -4.97
N ILE A 61 6.77 -29.23 -5.23
CA ILE A 61 7.58 -29.74 -4.14
C ILE A 61 8.78 -28.80 -3.95
N ILE A 62 8.87 -28.33 -2.73
CA ILE A 62 9.89 -27.40 -2.32
C ILE A 62 11.00 -28.22 -1.66
N HIS A 63 12.12 -28.43 -2.36
CA HIS A 63 13.21 -29.19 -1.82
C HIS A 63 14.04 -28.30 -0.87
N THR A 64 14.64 -28.91 0.12
CA THR A 64 15.36 -28.12 1.11
C THR A 64 16.52 -27.33 0.53
N SER A 65 16.98 -27.70 -0.67
CA SER A 65 18.06 -26.95 -1.29
C SER A 65 17.68 -25.51 -1.58
N VAL A 66 16.40 -25.19 -1.72
N VAL A 66 16.39 -25.22 -1.72
CA VAL A 66 15.99 -23.83 -2.02
CA VAL A 66 15.90 -23.86 -1.98
C VAL A 66 16.15 -22.88 -0.84
C VAL A 66 16.41 -22.91 -0.91
N TRP A 67 16.49 -23.39 0.32
CA TRP A 67 16.73 -22.57 1.45
C TRP A 67 18.20 -22.43 1.76
N ALA A 68 19.10 -23.06 1.02
CA ALA A 68 20.46 -23.08 1.50
C ALA A 68 21.04 -21.68 1.44
N GLY A 69 21.73 -21.26 2.52
CA GLY A 69 22.28 -19.93 2.51
C GLY A 69 21.32 -18.77 2.44
N GLN A 70 20.02 -19.01 2.66
CA GLN A 70 19.03 -17.95 2.71
C GLN A 70 18.79 -17.58 4.16
N LYS A 71 18.43 -16.32 4.40
CA LYS A 71 17.99 -15.78 5.68
C LYS A 71 16.48 -15.57 5.68
N ARG A 72 15.95 -15.40 6.88
CA ARG A 72 14.56 -15.07 7.10
C ARG A 72 13.65 -15.99 6.28
N LEU A 73 13.80 -17.30 6.55
CA LEU A 73 13.15 -18.32 5.72
C LEU A 73 11.62 -18.26 5.77
N SER A 74 11.02 -17.98 6.91
CA SER A 74 9.55 -17.84 6.92
C SER A 74 9.10 -16.74 5.94
N GLN A 75 9.82 -15.63 5.89
CA GLN A 75 9.45 -14.59 4.93
C GLN A 75 9.76 -15.01 3.50
N LEU A 76 10.89 -15.67 3.27
CA LEU A 76 11.20 -16.05 1.91
C LEU A 76 10.14 -17.01 1.39
N ALA A 77 9.64 -17.88 2.27
CA ALA A 77 8.71 -18.95 1.91
C ALA A 77 7.45 -18.39 1.29
N LYS A 78 6.94 -17.27 1.82
CA LYS A 78 5.79 -16.62 1.20
C LYS A 78 6.11 -16.16 -0.21
N TRP A 79 7.30 -15.56 -0.38
CA TRP A 79 7.70 -15.07 -1.69
C TRP A 79 8.10 -16.19 -2.66
N LYS A 80 8.73 -17.24 -2.13
CA LYS A 80 8.94 -18.45 -2.90
C LYS A 80 7.61 -19.06 -3.37
N THR A 81 6.65 -19.17 -2.47
CA THR A 81 5.33 -19.62 -2.86
C THR A 81 4.80 -18.73 -3.97
N ALA A 82 4.81 -17.42 -3.75
CA ALA A 82 4.29 -16.53 -4.80
C ALA A 82 5.03 -16.72 -6.13
N GLU A 83 6.34 -16.87 -6.11
CA GLU A 83 7.12 -17.07 -7.34
C GLU A 83 6.62 -18.33 -8.09
N GLU A 84 6.48 -19.43 -7.37
CA GLU A 84 6.04 -20.67 -8.01
C GLU A 84 4.62 -20.64 -8.54
N VAL A 85 3.67 -20.00 -7.84
CA VAL A 85 2.31 -19.83 -8.36
C VAL A 85 2.35 -18.97 -9.59
N SER A 86 3.05 -17.84 -9.54
N SER A 86 3.04 -17.83 -9.53
CA SER A 86 3.12 -17.04 -10.75
CA SER A 86 3.18 -17.03 -10.75
C SER A 86 3.77 -17.87 -11.88
C SER A 86 3.78 -17.87 -11.88
N ALA A 87 4.69 -18.76 -11.55
CA ALA A 87 5.27 -19.56 -12.64
C ALA A 87 4.22 -20.55 -13.23
N LEU A 88 3.40 -21.12 -12.36
CA LEU A 88 2.42 -22.09 -12.79
C LEU A 88 1.38 -21.41 -13.67
N VAL A 89 0.83 -20.30 -13.19
CA VAL A 89 -0.03 -19.53 -14.05
C VAL A 89 0.61 -19.30 -15.41
N ARG A 90 1.85 -18.82 -15.42
CA ARG A 90 2.48 -18.46 -16.70
C ARG A 90 2.68 -19.68 -17.57
N SER A 91 2.81 -20.85 -16.97
CA SER A 91 2.99 -22.08 -17.73
C SER A 91 1.69 -22.56 -18.36
N LEU A 92 0.49 -22.13 -17.79
CA LEU A 92 -0.75 -22.59 -18.29
C LEU A 92 -1.11 -21.80 -19.52
N PRO A 93 -1.77 -22.45 -20.47
CA PRO A 93 -2.45 -21.67 -21.47
C PRO A 93 -3.45 -20.68 -20.85
N LYS A 94 -3.70 -19.59 -21.58
CA LYS A 94 -4.52 -18.48 -21.09
C LYS A 94 -5.93 -18.94 -20.75
N GLU A 95 -6.51 -19.76 -21.59
CA GLU A 95 -7.81 -20.30 -21.26
C GLU A 95 -7.78 -21.16 -19.99
N GLU A 96 -6.62 -21.55 -19.47
CA GLU A 96 -6.60 -22.34 -18.24
C GLU A 96 -6.15 -21.54 -17.03
N GLN A 97 -5.70 -20.30 -17.23
CA GLN A 97 -5.26 -19.54 -16.07
C GLN A 97 -6.44 -19.12 -15.21
N PRO A 98 -6.21 -18.98 -13.91
CA PRO A 98 -7.31 -18.70 -12.98
C PRO A 98 -7.75 -17.26 -13.12
N LYS A 99 -9.04 -17.04 -12.97
N LYS A 99 -9.05 -17.04 -12.98
CA LYS A 99 -9.53 -15.66 -12.87
CA LYS A 99 -9.56 -15.68 -12.86
C LYS A 99 -9.34 -15.13 -11.48
C LYS A 99 -9.32 -15.14 -11.48
N GLN A 100 -9.33 -16.01 -10.49
CA GLN A 100 -9.03 -15.63 -9.13
C GLN A 100 -8.13 -16.65 -8.46
N ILE A 101 -7.35 -16.16 -7.49
CA ILE A 101 -6.53 -17.04 -6.66
C ILE A 101 -6.77 -16.68 -5.23
N ILE A 102 -7.22 -17.65 -4.43
CA ILE A 102 -7.60 -17.42 -3.05
C ILE A 102 -6.53 -18.01 -2.13
N VAL A 103 -5.93 -17.15 -1.29
CA VAL A 103 -4.85 -17.53 -0.41
C VAL A 103 -5.43 -17.88 0.94
N THR A 104 -4.97 -18.99 1.52
CA THR A 104 -5.51 -19.36 2.80
C THR A 104 -4.95 -18.50 3.95
N ARG A 105 -3.88 -17.73 3.68
CA ARG A 105 -3.29 -16.83 4.69
C ARG A 105 -3.06 -15.43 4.12
N LYS A 106 -3.42 -14.39 4.90
CA LYS A 106 -3.37 -13.01 4.41
C LYS A 106 -1.92 -12.60 4.11
N ALA A 107 -0.98 -13.29 4.74
CA ALA A 107 0.40 -12.92 4.53
C ALA A 107 0.82 -13.25 3.12
N MET A 108 0.15 -14.15 2.43
CA MET A 108 0.45 -14.37 1.03
C MET A 108 -0.11 -13.29 0.11
N LEU A 109 -0.97 -12.38 0.58
CA LEU A 109 -1.60 -11.48 -0.37
C LEU A 109 -0.58 -10.63 -1.06
N ASP A 110 0.28 -9.97 -0.31
CA ASP A 110 1.12 -9.00 -1.00
C ASP A 110 2.18 -9.74 -1.85
N PRO A 111 2.83 -10.76 -1.29
CA PRO A 111 3.79 -11.50 -2.15
C PRO A 111 3.12 -11.86 -3.47
N LEU A 112 1.98 -12.49 -3.38
CA LEU A 112 1.32 -12.97 -4.60
C LEU A 112 0.87 -11.80 -5.47
N GLU A 113 0.27 -10.77 -4.89
CA GLU A 113 -0.04 -9.59 -5.71
C GLU A 113 1.20 -9.13 -6.48
N VAL A 114 2.34 -8.94 -5.80
CA VAL A 114 3.52 -8.38 -6.45
C VAL A 114 4.03 -9.32 -7.54
N HIS A 115 3.95 -10.63 -7.33
CA HIS A 115 4.39 -11.53 -8.40
C HIS A 115 3.37 -11.63 -9.54
N MET A 116 2.15 -11.12 -9.36
CA MET A 116 1.11 -11.28 -10.39
C MET A 116 0.79 -9.92 -11.02
N LEU A 117 1.70 -8.94 -10.86
CA LEU A 117 1.45 -7.61 -11.45
C LEU A 117 1.29 -7.67 -12.96
N ASP A 118 1.88 -8.69 -13.60
CA ASP A 118 1.68 -8.91 -15.03
C ASP A 118 0.28 -9.37 -15.38
N PHE A 119 -0.50 -9.81 -14.39
CA PHE A 119 -1.81 -10.40 -14.58
C PHE A 119 -2.81 -9.55 -13.82
N PRO A 120 -3.02 -8.30 -14.23
CA PRO A 120 -3.95 -7.44 -13.47
C PRO A 120 -5.38 -7.94 -13.46
N ASN A 121 -5.78 -8.77 -14.40
CA ASN A 121 -7.15 -9.26 -14.42
C ASN A 121 -7.38 -10.52 -13.57
N ILE A 122 -6.37 -10.98 -12.82
CA ILE A 122 -6.51 -12.09 -11.91
C ILE A 122 -6.68 -11.54 -10.51
N ALA A 123 -7.81 -11.81 -9.89
CA ALA A 123 -8.03 -11.29 -8.55
C ALA A 123 -7.32 -12.14 -7.53
N ILE A 124 -6.53 -11.50 -6.68
CA ILE A 124 -5.89 -12.16 -5.55
C ILE A 124 -6.75 -11.88 -4.30
N ARG A 125 -7.23 -12.92 -3.65
CA ARG A 125 -8.21 -12.80 -2.57
C ARG A 125 -7.78 -13.59 -1.34
N PRO A 126 -8.05 -13.06 -0.14
CA PRO A 126 -8.03 -13.83 1.11
C PRO A 126 -9.37 -14.53 1.33
N THR A 127 -9.45 -15.33 2.38
CA THR A 127 -10.68 -15.98 2.75
C THR A 127 -10.83 -15.93 4.26
N GLU A 128 -12.08 -15.79 4.71
N GLU A 128 -12.07 -15.79 4.73
CA GLU A 128 -12.42 -15.92 6.12
CA GLU A 128 -12.32 -15.94 6.16
C GLU A 128 -12.72 -17.36 6.52
C GLU A 128 -12.55 -17.39 6.55
N LEU A 129 -12.62 -18.29 5.58
CA LEU A 129 -12.78 -19.70 5.90
C LEU A 129 -11.52 -20.25 6.56
N ARG A 130 -11.71 -21.13 7.54
CA ARG A 130 -10.61 -21.87 8.13
C ARG A 130 -10.48 -23.19 7.38
N LEU A 131 -9.60 -23.24 6.38
CA LEU A 131 -9.61 -24.48 5.64
C LEU A 131 -8.49 -25.39 6.12
N PRO A 132 -8.71 -26.72 6.14
CA PRO A 132 -7.70 -27.61 6.70
C PRO A 132 -6.66 -28.11 5.73
N PHE A 133 -6.20 -27.25 4.82
CA PHE A 133 -5.29 -27.71 3.79
C PHE A 133 -3.90 -28.04 4.34
N SER A 134 -3.55 -27.53 5.54
CA SER A 134 -2.31 -27.92 6.18
C SER A 134 -2.23 -29.43 6.40
N ALA A 135 -3.38 -30.09 6.53
CA ALA A 135 -3.34 -31.54 6.67
C ALA A 135 -3.06 -32.27 5.37
N ALA A 136 -2.77 -31.56 4.30
CA ALA A 136 -2.47 -32.22 3.04
C ALA A 136 -1.33 -33.20 3.17
N MET A 137 -0.41 -32.95 4.08
CA MET A 137 0.72 -33.84 4.24
C MET A 137 0.39 -35.09 5.04
N SER A 138 -0.80 -35.17 5.60
CA SER A 138 -1.35 -36.38 6.19
C SER A 138 -1.90 -37.34 5.15
N ILE A 139 -1.90 -36.99 3.87
CA ILE A 139 -2.31 -37.89 2.81
C ILE A 139 -1.06 -38.65 2.33
N ASP A 140 -1.00 -39.94 2.68
CA ASP A 140 0.22 -40.72 2.53
C ASP A 140 0.88 -40.54 1.19
N LYS A 141 0.13 -40.62 0.11
CA LYS A 141 0.78 -40.57 -1.20
C LYS A 141 1.36 -39.19 -1.50
N LEU A 142 0.77 -38.14 -0.94
CA LEU A 142 1.34 -36.81 -1.16
C LEU A 142 2.60 -36.64 -0.31
N SER A 143 2.46 -37.07 0.94
CA SER A 143 3.59 -36.99 1.84
C SER A 143 4.73 -37.80 1.27
N ASP A 144 4.45 -38.93 0.63
CA ASP A 144 5.54 -39.76 0.11
C ASP A 144 6.29 -39.04 -1.00
N VAL A 145 5.57 -38.42 -1.92
CA VAL A 145 6.21 -37.81 -3.08
C VAL A 145 7.05 -36.61 -2.64
N VAL A 146 6.61 -35.90 -1.61
CA VAL A 146 7.37 -34.80 -1.08
C VAL A 146 8.69 -35.28 -0.45
N MET A 147 8.58 -36.27 0.45
N MET A 147 8.59 -36.27 0.45
N MET A 147 8.59 -36.30 0.42
CA MET A 147 9.73 -36.71 1.23
CA MET A 147 9.77 -36.66 1.21
CA MET A 147 9.76 -36.65 1.20
C MET A 147 10.78 -37.37 0.36
C MET A 147 10.80 -37.35 0.32
C MET A 147 10.80 -37.38 0.35
N LYS A 148 10.37 -37.99 -0.75
CA LYS A 148 11.29 -38.69 -1.65
C LYS A 148 11.94 -37.77 -2.68
N ALA A 149 11.41 -36.56 -2.87
CA ALA A 149 11.94 -35.69 -3.90
C ALA A 149 13.39 -35.34 -3.58
N THR A 150 14.24 -35.45 -4.59
CA THR A 150 15.64 -35.06 -4.47
C THR A 150 15.93 -33.74 -5.13
N GLU A 151 14.92 -33.09 -5.72
CA GLU A 151 15.06 -31.87 -6.50
C GLU A 151 13.72 -31.23 -6.58
N PRO A 152 13.66 -29.95 -6.92
CA PRO A 152 12.38 -29.30 -7.18
C PRO A 152 11.54 -30.04 -8.23
N GLN A 153 10.22 -30.07 -8.03
CA GLN A 153 9.39 -30.99 -8.76
C GLN A 153 7.95 -30.61 -8.52
N MET A 154 7.20 -30.70 -9.59
CA MET A 154 5.78 -30.47 -9.55
C MET A 154 5.12 -31.79 -9.87
N VAL A 155 4.15 -32.17 -9.08
CA VAL A 155 3.35 -33.37 -9.35
C VAL A 155 1.90 -32.98 -9.38
N LEU A 156 1.16 -33.51 -10.36
CA LEU A 156 -0.25 -33.21 -10.53
C LEU A 156 -1.09 -34.38 -10.03
N PHE A 157 -2.03 -34.09 -9.11
CA PHE A 157 -2.95 -35.06 -8.60
C PHE A 157 -4.36 -34.59 -8.86
N ASN A 158 -5.33 -35.50 -8.81
CA ASN A 158 -6.73 -35.17 -8.49
C ASN A 158 -7.00 -35.55 -7.04
N ILE A 159 -7.09 -34.55 -6.15
CA ILE A 159 -7.58 -34.85 -4.79
C ILE A 159 -8.99 -35.36 -4.57
N TYR A 160 -9.87 -35.38 -5.56
CA TYR A 160 -11.17 -35.99 -5.46
C TYR A 160 -11.19 -37.39 -6.08
N ASP A 161 -10.07 -37.86 -6.55
CA ASP A 161 -10.06 -39.22 -7.17
C ASP A 161 -11.15 -39.19 -8.24
N ASP A 162 -12.08 -40.19 -8.32
CA ASP A 162 -13.20 -40.24 -9.26
C ASP A 162 -14.51 -39.80 -8.67
N TRP A 163 -14.46 -38.98 -7.62
CA TRP A 163 -15.67 -38.71 -6.92
C TRP A 163 -16.61 -37.95 -7.82
N LEU A 164 -16.08 -37.07 -8.68
CA LEU A 164 -17.00 -36.23 -9.42
C LEU A 164 -17.82 -37.00 -10.44
N ASP A 165 -17.42 -38.23 -10.74
CA ASP A 165 -18.34 -39.08 -11.51
C ASP A 165 -19.65 -39.30 -10.83
N ARG A 166 -19.68 -39.18 -9.51
CA ARG A 166 -20.89 -39.48 -8.76
C ARG A 166 -21.46 -38.34 -7.93
N ILE A 167 -20.65 -37.38 -7.53
CA ILE A 167 -21.16 -36.28 -6.72
C ILE A 167 -20.75 -34.99 -7.41
N SER A 168 -21.25 -33.89 -6.89
CA SER A 168 -20.94 -32.59 -7.45
C SER A 168 -19.70 -32.08 -6.77
N SER A 169 -19.16 -30.97 -7.30
N SER A 169 -19.17 -30.95 -7.27
CA SER A 169 -17.95 -30.38 -6.72
CA SER A 169 -17.94 -30.41 -6.69
C SER A 169 -18.22 -29.82 -5.34
C SER A 169 -18.20 -29.80 -5.34
N TYR A 170 -19.34 -29.12 -5.17
CA TYR A 170 -19.70 -28.70 -3.81
C TYR A 170 -19.59 -29.87 -2.84
N THR A 171 -20.16 -31.00 -3.21
CA THR A 171 -20.14 -32.13 -2.30
C THR A 171 -18.75 -32.73 -2.18
N ALA A 172 -18.05 -32.84 -3.30
CA ALA A 172 -16.67 -33.33 -3.24
C ALA A 172 -15.81 -32.44 -2.34
N PHE A 173 -15.92 -31.15 -2.49
CA PHE A 173 -15.11 -30.29 -1.62
C PHE A 173 -15.46 -30.46 -0.17
N SER A 174 -16.78 -30.56 0.14
CA SER A 174 -17.23 -30.77 1.50
C SER A 174 -16.69 -32.08 2.08
N ARG A 175 -16.79 -33.18 1.31
CA ARG A 175 -16.07 -34.38 1.76
C ARG A 175 -14.58 -34.10 2.00
N LEU A 176 -13.91 -33.42 1.06
CA LEU A 176 -12.45 -33.27 1.21
C LEU A 176 -12.13 -32.49 2.47
N THR A 177 -12.77 -31.33 2.66
CA THR A 177 -12.53 -30.53 3.84
C THR A 177 -12.76 -31.37 5.09
N LEU A 178 -13.82 -32.18 5.15
CA LEU A 178 -14.11 -33.00 6.33
C LEU A 178 -13.05 -34.08 6.57
N LEU A 179 -12.65 -34.77 5.51
CA LEU A 179 -11.47 -35.63 5.57
C LEU A 179 -10.25 -34.89 6.13
N LEU A 180 -9.93 -33.75 5.59
CA LEU A 180 -8.71 -33.08 6.04
C LEU A 180 -8.88 -32.48 7.43
N ARG A 181 -10.02 -31.89 7.70
CA ARG A 181 -10.25 -31.46 9.07
C ARG A 181 -9.99 -32.62 10.06
N ALA A 182 -10.50 -33.81 9.75
CA ALA A 182 -10.32 -34.91 10.68
C ALA A 182 -8.84 -35.29 10.76
N LEU A 183 -8.19 -35.47 9.62
CA LEU A 183 -6.77 -35.75 9.68
C LEU A 183 -6.00 -34.68 10.45
N LYS A 184 -6.49 -33.45 10.47
CA LYS A 184 -5.82 -32.38 11.18
C LYS A 184 -6.09 -32.46 12.69
N THR A 185 -7.31 -32.83 13.07
N THR A 185 -7.30 -32.87 13.07
CA THR A 185 -7.64 -32.90 14.49
CA THR A 185 -7.66 -32.90 14.48
C THR A 185 -7.06 -34.15 15.14
C THR A 185 -7.11 -34.16 15.14
N ASN A 186 -7.12 -35.29 14.45
CA ASN A 186 -6.51 -36.52 14.97
C ASN A 186 -6.11 -37.34 13.75
N GLU A 187 -4.84 -37.26 13.40
CA GLU A 187 -4.38 -37.98 12.23
C GLU A 187 -4.49 -39.49 12.42
N GLU A 188 -4.00 -40.01 13.53
CA GLU A 188 -4.02 -41.47 13.68
C GLU A 188 -5.43 -42.01 13.52
N SER A 189 -6.38 -41.47 14.30
CA SER A 189 -7.76 -41.95 14.27
C SER A 189 -8.35 -41.82 12.88
N ALA A 190 -8.11 -40.68 12.21
CA ALA A 190 -8.60 -40.48 10.87
C ALA A 190 -8.07 -41.54 9.93
N LYS A 191 -6.76 -41.82 9.97
CA LYS A 191 -6.20 -42.85 9.11
C LYS A 191 -6.75 -44.22 9.50
N MET A 192 -7.00 -44.45 10.79
CA MET A 192 -7.57 -45.73 11.18
CA MET A 192 -7.60 -45.72 11.22
C MET A 192 -8.98 -45.89 10.59
N ILE A 193 -9.78 -44.83 10.62
CA ILE A 193 -11.10 -44.86 10.01
C ILE A 193 -11.00 -45.26 8.55
N LEU A 194 -10.07 -44.64 7.86
CA LEU A 194 -9.98 -44.73 6.42
C LEU A 194 -9.46 -46.07 5.95
N LEU A 195 -8.55 -46.67 6.71
CA LEU A 195 -7.86 -47.88 6.26
C LEU A 195 -8.16 -49.10 7.12
N SER A 196 -9.18 -49.05 7.98
CA SER A 196 -9.42 -50.17 8.88
C SER A 196 -9.93 -51.39 8.15
N ASP A 197 -10.60 -51.20 7.01
CA ASP A 197 -11.17 -52.33 6.27
C ASP A 197 -10.23 -52.71 5.14
N PRO A 198 -9.47 -53.80 5.25
CA PRO A 198 -8.54 -54.15 4.17
C PRO A 198 -9.23 -54.41 2.83
N THR A 199 -10.51 -54.76 2.82
CA THR A 199 -11.16 -55.09 1.56
C THR A 199 -11.46 -53.87 0.71
N ILE A 200 -11.43 -52.64 1.27
CA ILE A 200 -11.53 -51.42 0.50
C ILE A 200 -10.12 -50.89 0.30
N THR A 201 -9.64 -50.88 -0.94
CA THR A 201 -8.27 -50.49 -1.21
C THR A 201 -8.22 -49.14 -1.88
N ILE A 202 -7.02 -48.56 -1.88
CA ILE A 202 -6.75 -47.36 -2.62
C ILE A 202 -6.18 -47.74 -3.96
N LYS A 203 -6.83 -47.32 -5.04
CA LYS A 203 -6.35 -47.68 -6.36
C LYS A 203 -5.01 -46.98 -6.62
N SER A 204 -4.15 -47.60 -7.43
CA SER A 204 -2.83 -47.05 -7.62
C SER A 204 -2.90 -45.59 -8.07
N TYR A 205 -3.93 -45.24 -8.85
CA TYR A 205 -4.09 -43.90 -9.37
C TYR A 205 -4.94 -43.01 -8.47
N HIS A 206 -5.13 -43.37 -7.19
CA HIS A 206 -5.96 -42.59 -6.27
C HIS A 206 -5.24 -42.28 -4.97
N LEU A 207 -5.85 -41.38 -4.20
CA LEU A 207 -5.33 -40.92 -2.92
C LEU A 207 -6.10 -41.55 -1.77
N TRP A 208 -7.35 -41.82 -2.01
CA TRP A 208 -8.27 -42.26 -0.99
C TRP A 208 -8.86 -43.59 -1.42
N PRO A 209 -9.41 -44.34 -0.49
CA PRO A 209 -9.98 -45.66 -0.84
C PRO A 209 -11.23 -45.60 -1.73
N SER A 210 -11.51 -46.76 -2.33
CA SER A 210 -12.60 -46.88 -3.29
C SER A 210 -13.89 -47.23 -2.55
N PHE A 211 -14.37 -46.25 -1.80
CA PHE A 211 -15.57 -46.43 -1.00
C PHE A 211 -16.78 -46.33 -1.89
N THR A 212 -17.73 -47.24 -1.68
CA THR A 212 -19.01 -47.09 -2.31
C THR A 212 -19.74 -45.87 -1.72
N ASP A 213 -20.84 -45.48 -2.37
CA ASP A 213 -21.67 -44.37 -1.89
C ASP A 213 -22.07 -44.57 -0.44
N GLU A 214 -22.51 -45.79 -0.11
CA GLU A 214 -23.00 -46.06 1.24
C GLU A 214 -21.85 -46.03 2.23
N GLN A 215 -20.73 -46.61 1.83
CA GLN A 215 -19.55 -46.65 2.70
C GLN A 215 -18.99 -45.25 2.92
N TRP A 216 -19.12 -44.32 1.97
CA TRP A 216 -18.69 -42.94 2.19
C TRP A 216 -19.57 -42.26 3.22
N ILE A 217 -20.87 -42.59 3.25
CA ILE A 217 -21.76 -42.03 4.27
C ILE A 217 -21.31 -42.50 5.64
N THR A 218 -21.04 -43.78 5.78
CA THR A 218 -20.46 -44.28 7.03
C THR A 218 -19.20 -43.49 7.37
N ILE A 219 -18.24 -43.50 6.45
CA ILE A 219 -16.97 -42.82 6.69
C ILE A 219 -17.22 -41.38 7.08
N GLU A 220 -18.08 -40.68 6.33
CA GLU A 220 -18.26 -39.26 6.63
C GLU A 220 -18.85 -39.08 8.03
N SER A 221 -19.77 -39.97 8.44
N SER A 221 -19.75 -39.98 8.45
CA SER A 221 -20.28 -39.95 9.81
CA SER A 221 -20.26 -39.90 9.83
C SER A 221 -19.16 -40.20 10.82
C SER A 221 -19.17 -40.21 10.84
N GLN A 222 -18.33 -41.21 10.56
CA GLN A 222 -17.26 -41.52 11.50
C GLN A 222 -16.28 -40.35 11.61
N MET A 223 -16.03 -39.66 10.48
CA MET A 223 -15.17 -38.48 10.51
C MET A 223 -15.78 -37.35 11.35
N ARG A 224 -17.08 -37.10 11.21
N ARG A 224 -17.08 -37.10 11.22
CA ARG A 224 -17.74 -36.10 12.05
CA ARG A 224 -17.72 -36.09 12.04
C ARG A 224 -17.65 -36.48 13.52
C ARG A 224 -17.68 -36.47 13.52
N ASP A 225 -17.91 -37.75 13.84
CA ASP A 225 -17.78 -38.22 15.21
CA ASP A 225 -17.78 -38.21 15.21
C ASP A 225 -16.37 -37.97 15.73
N LEU A 226 -15.36 -38.30 14.93
CA LEU A 226 -13.99 -38.03 15.34
C LEU A 226 -13.80 -36.55 15.67
N ILE A 227 -14.24 -35.65 14.78
CA ILE A 227 -14.05 -34.24 15.04
C ILE A 227 -14.83 -33.83 16.27
N LEU A 228 -16.05 -34.36 16.43
CA LEU A 228 -16.80 -34.08 17.66
C LEU A 228 -16.07 -34.62 18.88
N THR A 229 -15.64 -35.88 18.81
CA THR A 229 -14.95 -36.52 19.93
C THR A 229 -13.78 -35.65 20.39
N GLU A 230 -12.88 -35.31 19.46
CA GLU A 230 -11.69 -34.54 19.84
C GLU A 230 -12.07 -33.17 20.39
N TYR A 231 -13.11 -32.56 19.84
CA TYR A 231 -13.58 -31.30 20.38
C TYR A 231 -13.87 -31.43 21.87
N GLY A 232 -14.53 -32.51 22.27
CA GLY A 232 -14.80 -32.73 23.69
C GLY A 232 -13.55 -33.06 24.49
N ARG A 233 -12.68 -33.90 23.94
CA ARG A 233 -11.43 -34.20 24.62
C ARG A 233 -10.66 -32.92 24.85
N LYS A 234 -10.69 -32.02 23.86
CA LYS A 234 -9.96 -30.76 23.96
C LYS A 234 -10.51 -29.89 25.08
N TYR A 235 -11.77 -29.52 24.97
CA TYR A 235 -12.38 -28.56 25.85
C TYR A 235 -13.02 -29.16 27.09
N ASN A 236 -12.96 -30.48 27.25
CA ASN A 236 -13.59 -31.16 28.38
C ASN A 236 -15.11 -30.90 28.40
N VAL A 237 -15.76 -31.24 27.30
CA VAL A 237 -17.21 -31.04 27.14
C VAL A 237 -17.91 -32.39 27.03
N MET B 5 11.69 44.15 -1.12
CA MET B 5 10.40 43.49 -0.75
C MET B 5 9.29 43.81 -1.77
N ASN B 6 8.30 42.93 -1.89
CA ASN B 6 7.27 43.07 -2.90
C ASN B 6 5.88 43.17 -2.28
N THR B 7 4.91 43.37 -3.18
CA THR B 7 3.58 43.76 -2.77
C THR B 7 2.51 43.06 -3.63
N VAL B 8 1.45 42.54 -3.00
CA VAL B 8 0.25 42.05 -3.73
C VAL B 8 -0.90 42.98 -3.34
N PRO B 9 -1.21 44.04 -4.11
CA PRO B 9 -2.30 44.90 -3.78
C PRO B 9 -3.65 44.27 -4.15
N PHE B 10 -4.67 44.65 -3.40
CA PHE B 10 -6.04 44.14 -3.51
C PHE B 10 -6.95 45.30 -3.94
N THR B 11 -7.84 45.07 -4.89
CA THR B 11 -8.77 46.09 -5.36
C THR B 11 -9.66 46.53 -4.22
N SER B 12 -10.14 45.56 -3.46
CA SER B 12 -11.03 45.71 -2.30
C SER B 12 -11.23 44.32 -1.71
N ALA B 13 -11.85 44.29 -0.55
CA ALA B 13 -12.26 43.06 0.11
C ALA B 13 -13.76 43.14 0.34
N PRO B 14 -14.55 42.81 -0.69
CA PRO B 14 -16.01 42.94 -0.56
C PRO B 14 -16.67 41.89 0.30
N ILE B 15 -16.07 40.73 0.51
CA ILE B 15 -16.69 39.73 1.37
C ILE B 15 -15.73 39.33 2.48
N GLU B 16 -16.27 39.12 3.66
CA GLU B 16 -15.47 38.73 4.81
C GLU B 16 -14.71 37.44 4.51
N VAL B 17 -13.43 37.44 4.85
CA VAL B 17 -12.51 36.39 4.42
C VAL B 17 -11.33 36.36 5.39
N THR B 18 -10.96 35.13 5.80
CA THR B 18 -9.65 34.91 6.38
C THR B 18 -8.59 34.73 5.28
N ILE B 19 -7.66 35.63 5.25
CA ILE B 19 -6.61 35.69 4.23
C ILE B 19 -5.34 35.08 4.78
N GLY B 20 -4.73 34.27 3.94
CA GLY B 20 -3.54 33.59 4.31
C GLY B 20 -2.40 34.09 3.45
N ILE B 21 -1.25 34.36 4.04
CA ILE B 21 -0.05 34.59 3.24
C ILE B 21 1.04 33.69 3.81
N ASP B 22 1.50 32.72 3.04
CA ASP B 22 2.39 31.73 3.64
C ASP B 22 1.77 31.30 4.97
N GLN B 23 2.57 31.28 6.03
CA GLN B 23 2.14 30.68 7.29
C GLN B 23 1.43 31.66 8.25
N TYR B 24 1.21 32.90 7.85
CA TYR B 24 0.46 33.90 8.58
C TYR B 24 -0.96 33.99 8.02
N SER B 25 -1.81 34.66 8.77
CA SER B 25 -3.19 34.75 8.35
C SER B 25 -3.83 35.80 9.22
N PHE B 26 -4.80 36.48 8.64
CA PHE B 26 -5.51 37.57 9.31
C PHE B 26 -6.88 37.69 8.70
N ASN B 27 -7.87 38.12 9.52
CA ASN B 27 -9.28 38.25 9.13
C ASN B 27 -9.55 39.63 8.57
N VAL B 28 -10.21 39.68 7.42
CA VAL B 28 -10.59 40.94 6.80
C VAL B 28 -12.11 40.99 6.83
N LYS B 29 -12.70 42.00 7.47
CA LYS B 29 -14.16 42.13 7.53
C LYS B 29 -14.73 42.64 6.21
N GLU B 30 -15.97 42.23 5.94
CA GLU B 30 -16.68 42.56 4.70
C GLU B 30 -16.63 44.06 4.41
N ASN B 31 -16.06 44.43 3.27
CA ASN B 31 -15.86 45.81 2.87
C ASN B 31 -14.90 46.57 3.79
N GLN B 32 -14.02 45.87 4.48
CA GLN B 32 -12.99 46.58 5.25
C GLN B 32 -11.98 47.22 4.29
N PRO B 33 -11.45 48.42 4.62
CA PRO B 33 -10.55 49.12 3.68
C PRO B 33 -9.18 48.46 3.54
N PHE B 34 -9.20 47.18 3.15
CA PHE B 34 -7.99 46.38 3.03
C PHE B 34 -7.51 46.41 1.59
N HIS B 35 -6.28 46.82 1.34
CA HIS B 35 -5.75 46.98 -0.01
C HIS B 35 -4.47 46.13 -0.23
N GLY B 36 -4.26 45.10 0.54
CA GLY B 36 -3.29 44.07 0.16
C GLY B 36 -2.12 43.95 1.14
N ILE B 37 -1.05 43.28 0.68
CA ILE B 37 0.00 42.75 1.55
C ILE B 37 1.31 43.29 1.01
N LYS B 38 2.13 43.89 1.88
CA LYS B 38 3.35 44.59 1.53
C LYS B 38 4.55 43.88 2.18
N ASP B 39 5.75 44.28 1.78
CA ASP B 39 6.98 43.76 2.42
C ASP B 39 7.13 42.23 2.28
N ILE B 40 6.65 41.67 1.16
CA ILE B 40 6.81 40.23 0.92
C ILE B 40 8.23 39.88 0.46
N PRO B 41 8.92 38.98 1.15
CA PRO B 41 10.34 38.69 0.87
C PRO B 41 10.46 38.20 -0.55
N ILE B 42 11.18 38.96 -1.35
CA ILE B 42 11.71 38.44 -2.61
C ILE B 42 12.59 37.23 -2.34
N GLY B 43 12.53 36.29 -3.23
CA GLY B 43 13.46 35.17 -3.23
C GLY B 43 12.87 33.82 -2.86
N HIS B 44 11.67 33.80 -2.33
CA HIS B 44 10.96 32.57 -2.00
C HIS B 44 9.70 32.48 -2.87
N VAL B 45 9.15 31.27 -2.99
N VAL B 45 9.20 31.26 -3.11
CA VAL B 45 7.81 31.11 -3.54
CA VAL B 45 7.80 31.19 -3.54
C VAL B 45 6.79 31.28 -2.41
C VAL B 45 6.92 31.64 -2.38
N HIS B 46 5.67 31.94 -2.69
CA HIS B 46 4.72 32.30 -1.66
C HIS B 46 3.39 31.74 -2.04
N VAL B 47 2.48 31.81 -1.06
CA VAL B 47 1.15 31.36 -1.26
C VAL B 47 0.19 32.25 -0.56
N ILE B 48 -0.72 32.85 -1.28
N ILE B 48 -0.66 32.95 -1.28
CA ILE B 48 -1.80 33.65 -0.69
CA ILE B 48 -1.82 33.65 -0.72
C ILE B 48 -3.10 32.87 -0.82
C ILE B 48 -3.05 32.76 -0.80
N HIS B 49 -3.82 32.72 0.29
CA HIS B 49 -4.88 31.71 0.36
C HIS B 49 -6.05 32.35 1.05
N PHE B 50 -7.21 31.74 0.83
CA PHE B 50 -8.42 32.34 1.34
C PHE B 50 -9.32 31.31 1.95
N GLN B 51 -10.05 31.75 2.99
CA GLN B 51 -11.24 31.03 3.42
C GLN B 51 -12.36 32.03 3.71
N HIS B 52 -13.42 31.94 2.91
CA HIS B 52 -14.53 32.86 3.10
C HIS B 52 -15.14 32.65 4.46
N ALA B 53 -15.56 33.78 5.07
CA ALA B 53 -16.25 33.70 6.35
C ALA B 53 -17.56 32.94 6.20
N ASP B 54 -18.37 33.35 5.23
CA ASP B 54 -19.73 32.82 5.12
C ASP B 54 -19.75 31.36 4.69
N ASN B 55 -18.64 30.85 4.16
CA ASN B 55 -18.60 29.45 3.75
C ASN B 55 -17.14 29.01 3.76
N SER B 56 -16.73 28.37 4.85
CA SER B 56 -15.41 27.79 4.94
C SER B 56 -15.21 26.58 4.04
N SER B 57 -16.24 26.15 3.30
CA SER B 57 -16.02 25.23 2.20
C SER B 57 -15.12 25.87 1.15
N MET B 58 -14.24 25.07 0.57
N MET B 58 -14.23 25.05 0.60
CA MET B 58 -13.25 25.60 -0.36
CA MET B 58 -13.21 25.49 -0.33
C MET B 58 -12.33 26.63 0.30
C MET B 58 -12.31 26.59 0.25
N ARG B 59 -11.25 26.16 0.90
CA ARG B 59 -10.04 26.94 0.97
C ARG B 59 -9.44 26.93 -0.44
N TYR B 60 -8.85 28.04 -0.82
CA TYR B 60 -8.31 28.18 -2.15
C TYR B 60 -7.27 29.27 -2.10
N GLY B 61 -6.36 29.23 -3.09
CA GLY B 61 -5.20 30.09 -3.02
C GLY B 61 -4.25 29.98 -4.20
N TYR B 62 -3.32 30.89 -4.20
CA TYR B 62 -2.45 31.06 -5.35
C TYR B 62 -1.00 30.96 -4.94
N TRP B 63 -0.25 30.10 -5.64
CA TRP B 63 1.18 30.07 -5.47
C TRP B 63 1.85 31.03 -6.44
N PHE B 64 2.79 31.81 -5.96
CA PHE B 64 3.34 32.80 -6.86
C PHE B 64 4.77 33.10 -6.41
N ASP B 65 5.48 33.72 -7.32
CA ASP B 65 6.82 34.19 -7.07
C ASP B 65 6.85 35.63 -7.53
N CYS B 66 7.11 36.56 -6.61
CA CYS B 66 7.11 37.96 -6.97
C CYS B 66 8.14 38.31 -8.03
N ARG B 67 9.14 37.47 -8.23
CA ARG B 67 10.09 37.79 -9.28
C ARG B 67 9.52 37.58 -10.67
N MET B 68 8.47 36.79 -10.80
N MET B 68 8.46 36.78 -10.80
CA MET B 68 7.96 36.43 -12.13
CA MET B 68 7.93 36.40 -12.11
C MET B 68 6.87 37.37 -12.66
C MET B 68 6.85 37.34 -12.64
N GLY B 69 6.53 38.42 -11.94
CA GLY B 69 5.55 39.37 -12.45
C GLY B 69 4.95 40.15 -11.32
N ASN B 70 4.18 41.17 -11.70
CA ASN B 70 3.43 41.97 -10.74
C ASN B 70 2.04 41.40 -10.60
N PHE B 71 1.72 40.89 -9.41
CA PHE B 71 0.42 40.27 -9.19
C PHE B 71 -0.42 41.09 -8.21
N TYR B 72 -1.73 41.12 -8.45
CA TYR B 72 -2.71 41.83 -7.61
C TYR B 72 -3.92 40.93 -7.41
N ILE B 73 -4.80 41.22 -6.47
CA ILE B 73 -5.98 40.35 -6.27
C ILE B 73 -7.28 41.13 -6.37
N GLN B 74 -8.19 40.77 -7.31
CA GLN B 74 -9.54 41.35 -7.35
C GLN B 74 -10.63 40.26 -7.14
N TYR B 75 -11.53 40.44 -6.18
CA TYR B 75 -12.75 39.64 -5.99
C TYR B 75 -13.56 39.62 -7.30
N ASP B 76 -14.19 38.51 -7.61
CA ASP B 76 -14.92 38.35 -8.86
C ASP B 76 -16.31 38.03 -8.39
N PRO B 77 -17.22 38.98 -8.50
CA PRO B 77 -18.54 38.74 -7.91
C PRO B 77 -19.33 37.65 -8.65
N LYS B 78 -18.86 37.30 -9.87
CA LYS B 78 -19.62 36.31 -10.65
C LYS B 78 -19.17 34.92 -10.23
N ASP B 79 -17.85 34.67 -10.28
CA ASP B 79 -17.28 33.41 -9.83
C ASP B 79 -17.15 33.33 -8.33
N GLY B 80 -17.30 34.45 -7.64
CA GLY B 80 -17.42 34.34 -6.22
C GLY B 80 -16.11 34.01 -5.52
N LEU B 81 -14.99 34.49 -6.02
CA LEU B 81 -13.77 34.32 -5.24
C LEU B 81 -12.77 35.40 -5.54
N TYR B 82 -11.78 35.47 -4.65
CA TYR B 82 -10.62 36.33 -4.81
C TYR B 82 -9.71 35.68 -5.85
N LYS B 83 -9.53 36.38 -6.93
CA LYS B 83 -8.74 35.90 -8.04
C LYS B 83 -7.40 36.62 -8.15
N MET B 84 -6.31 35.86 -8.26
CA MET B 84 -5.02 36.48 -8.61
C MET B 84 -4.99 36.89 -10.09
N MET B 85 -4.48 38.10 -10.27
CA MET B 85 -4.28 38.76 -11.56
C MET B 85 -2.82 39.15 -11.79
N GLU B 86 -2.34 39.28 -13.04
CA GLU B 86 -0.99 39.84 -13.30
C GLU B 86 -1.19 41.21 -13.99
N GLU B 87 -0.66 42.31 -13.48
CA GLU B 87 -0.78 43.61 -14.19
C GLU B 87 0.52 43.77 -14.99
N ARG B 88 0.48 43.64 -16.32
CA ARG B 88 1.69 43.74 -17.16
C ARG B 88 2.18 45.21 -17.19
N ASP B 89 1.32 46.20 -16.94
CA ASP B 89 1.73 47.61 -17.00
C ASP B 89 2.49 47.95 -15.72
N GLY B 90 3.82 47.91 -15.77
CA GLY B 90 4.59 48.14 -14.57
C GLY B 90 4.29 49.47 -13.90
N ALA B 91 4.26 50.56 -14.67
CA ALA B 91 4.02 51.92 -14.12
C ALA B 91 2.75 51.92 -13.25
N LYS B 92 1.65 51.39 -13.78
CA LYS B 92 0.33 51.35 -13.10
C LYS B 92 0.44 50.57 -11.80
N PHE B 93 1.19 49.48 -11.80
CA PHE B 93 1.40 48.73 -10.56
C PHE B 93 2.07 49.66 -9.54
N GLU B 94 3.10 50.42 -9.94
CA GLU B 94 3.78 51.34 -8.99
C GLU B 94 2.79 52.38 -8.45
N ASN B 95 1.96 53.02 -9.27
CA ASN B 95 1.01 54.07 -8.80
C ASN B 95 -0.05 53.48 -7.89
N ILE B 96 -0.65 52.37 -8.33
CA ILE B 96 -1.67 51.60 -7.57
C ILE B 96 -1.04 51.27 -6.24
N VAL B 97 0.16 50.71 -6.25
CA VAL B 97 0.84 50.25 -5.00
C VAL B 97 1.25 51.45 -4.15
N HIS B 98 1.67 52.54 -4.76
CA HIS B 98 2.18 53.67 -3.99
C HIS B 98 1.06 54.40 -3.27
N ASN B 99 -0.14 54.56 -3.84
CA ASN B 99 -1.26 55.23 -3.10
C ASN B 99 -1.62 54.43 -1.83
N PHE B 100 -1.86 53.13 -1.96
CA PHE B 100 -2.31 52.27 -0.85
C PHE B 100 -1.26 52.24 0.27
N LYS B 101 0.04 52.22 -0.07
CA LYS B 101 1.15 52.27 0.92
C LYS B 101 1.21 53.67 1.60
N GLU B 102 0.89 54.78 0.92
CA GLU B 102 0.85 56.08 1.58
C GLU B 102 -0.40 56.22 2.45
N ARG B 103 -1.51 55.64 2.03
CA ARG B 103 -2.71 55.61 2.85
C ARG B 103 -2.72 54.45 3.84
N GLN B 104 -1.65 53.66 3.89
CA GLN B 104 -1.44 52.58 4.89
C GLN B 104 -2.59 51.58 4.93
N MET B 105 -3.08 51.21 3.75
CA MET B 105 -4.19 50.28 3.67
C MET B 105 -3.72 48.84 3.51
N MET B 106 -2.47 48.54 3.85
CA MET B 106 -1.92 47.22 3.58
C MET B 106 -1.29 46.60 4.81
N VAL B 107 -1.42 45.26 4.92
CA VAL B 107 -0.79 44.53 6.01
C VAL B 107 0.63 44.20 5.57
N SER B 108 1.59 44.28 6.52
CA SER B 108 2.97 43.94 6.26
C SER B 108 3.16 42.45 6.48
N TYR B 109 3.74 41.78 5.49
CA TYR B 109 4.26 40.46 5.69
C TYR B 109 5.11 40.44 6.97
N PRO B 110 4.74 39.68 7.97
CA PRO B 110 5.25 39.95 9.30
C PRO B 110 6.36 38.99 9.65
N LYS B 111 7.50 39.09 8.94
CA LYS B 111 8.57 38.13 9.14
C LYS B 111 9.49 38.62 10.26
N ILE B 112 9.76 37.73 11.21
CA ILE B 112 10.76 37.93 12.24
C ILE B 112 12.13 37.62 11.67
N ASP B 113 13.15 38.37 12.13
CA ASP B 113 14.48 38.25 11.56
C ASP B 113 15.21 37.02 12.05
N GLU B 114 14.78 36.42 13.16
CA GLU B 114 15.31 35.13 13.59
C GLU B 114 14.67 33.96 12.87
N ASP B 115 13.66 34.21 12.06
CA ASP B 115 12.78 33.15 11.59
C ASP B 115 13.13 32.73 10.18
N ASP B 116 13.55 31.46 10.03
CA ASP B 116 13.78 30.86 8.72
C ASP B 116 12.72 29.83 8.39
N THR B 117 11.53 29.93 9.03
CA THR B 117 10.54 28.89 8.88
C THR B 117 10.10 28.74 7.45
N TRP B 118 9.79 29.86 6.78
CA TRP B 118 9.29 29.73 5.43
C TRP B 118 10.41 29.26 4.49
N TYR B 119 11.58 29.86 4.59
CA TYR B 119 12.72 29.35 3.77
C TYR B 119 12.86 27.82 3.93
N ASN B 120 12.60 27.33 5.14
CA ASN B 120 12.88 25.91 5.36
C ASN B 120 11.75 25.04 4.83
N LEU B 121 10.59 25.63 4.71
CA LEU B 121 9.48 24.84 4.19
C LEU B 121 9.39 24.84 2.70
N THR B 122 10.04 25.80 2.09
CA THR B 122 9.97 25.98 0.66
C THR B 122 11.35 25.90 0.04
N GLU B 123 12.37 25.42 0.75
CA GLU B 123 13.75 25.48 0.34
C GLU B 123 13.92 24.95 -1.07
N PHE B 124 13.22 23.85 -1.36
CA PHE B 124 13.41 23.17 -2.64
C PHE B 124 12.27 23.31 -3.62
N VAL B 125 11.32 24.23 -3.31
CA VAL B 125 10.15 24.51 -4.11
C VAL B 125 10.42 25.60 -5.12
N GLN B 126 10.12 25.33 -6.38
N GLN B 126 10.13 25.31 -6.38
CA GLN B 126 10.34 26.28 -7.45
CA GLN B 126 10.33 26.24 -7.46
C GLN B 126 9.05 26.46 -8.24
C GLN B 126 9.03 26.45 -8.20
N MET B 127 8.77 27.70 -8.60
CA MET B 127 7.55 27.98 -9.37
C MET B 127 7.51 27.13 -10.62
N ASP B 128 8.65 27.01 -11.32
CA ASP B 128 8.65 26.29 -12.59
C ASP B 128 8.08 24.90 -12.39
N LYS B 129 8.46 24.25 -11.29
CA LYS B 129 7.93 22.90 -11.03
C LYS B 129 6.49 22.93 -10.54
N ILE B 130 6.17 23.88 -9.67
CA ILE B 130 4.78 24.05 -9.27
C ILE B 130 3.87 24.07 -10.48
N ARG B 131 4.30 24.77 -11.54
CA ARG B 131 3.45 24.99 -12.71
C ARG B 131 3.35 23.76 -13.62
N LYS B 132 4.20 22.76 -13.41
CA LYS B 132 4.07 21.47 -14.09
C LYS B 132 3.14 20.55 -13.32
N ILE B 133 3.08 20.73 -12.01
CA ILE B 133 2.11 19.98 -11.23
C ILE B 133 0.72 20.56 -11.40
N VAL B 134 0.61 21.89 -11.54
CA VAL B 134 -0.67 22.58 -11.70
C VAL B 134 -0.69 23.14 -13.12
N ARG B 135 -1.35 22.44 -14.04
CA ARG B 135 -1.37 22.83 -15.43
C ARG B 135 -2.37 23.95 -15.62
N LYS B 136 -1.87 25.12 -16.03
CA LYS B 136 -2.71 26.29 -16.34
C LYS B 136 -1.78 27.36 -16.90
N ASP B 137 -1.08 27.03 -17.98
CA ASP B 137 0.11 27.77 -18.37
C ASP B 137 -0.15 29.23 -18.73
N GLU B 138 -1.40 29.63 -18.92
CA GLU B 138 -1.62 31.04 -19.27
C GLU B 138 -1.43 31.97 -18.08
N ASN B 139 -1.14 31.43 -16.90
CA ASN B 139 -0.83 32.28 -15.76
C ASN B 139 0.49 31.86 -15.15
N GLN B 140 1.21 32.84 -14.64
CA GLN B 140 2.47 32.62 -13.96
C GLN B 140 2.31 32.25 -12.51
N PHE B 141 1.08 32.28 -11.98
CA PHE B 141 0.80 31.87 -10.64
C PHE B 141 -0.01 30.61 -10.78
N SER B 142 -0.09 29.85 -9.72
CA SER B 142 -0.88 28.62 -9.73
C SER B 142 -1.94 28.59 -8.65
N TYR B 143 -3.20 28.36 -9.13
CA TYR B 143 -4.37 28.16 -8.30
C TYR B 143 -4.44 26.73 -7.74
N VAL B 144 -4.82 26.63 -6.48
CA VAL B 144 -5.00 25.35 -5.80
C VAL B 144 -6.17 25.53 -4.83
N ASP B 145 -6.96 24.45 -4.64
CA ASP B 145 -7.96 24.44 -3.59
C ASP B 145 -8.05 23.06 -2.94
N SER B 146 -8.92 23.00 -1.91
CA SER B 146 -9.06 21.84 -1.06
C SER B 146 -9.49 20.61 -1.85
N SER B 147 -10.18 20.82 -2.95
CA SER B 147 -10.97 19.73 -3.53
C SER B 147 -10.29 19.11 -4.73
N MET B 148 -9.32 19.80 -5.31
CA MET B 148 -8.58 19.29 -6.45
C MET B 148 -8.03 17.92 -6.15
N THR B 149 -8.36 16.99 -7.02
CA THR B 149 -7.88 15.64 -6.97
C THR B 149 -6.55 15.52 -7.75
N THR B 150 -5.83 14.45 -7.47
CA THR B 150 -4.52 14.24 -8.06
C THR B 150 -4.67 13.24 -9.19
N VAL B 151 -3.63 13.18 -10.05
CA VAL B 151 -3.68 12.31 -11.22
C VAL B 151 -3.86 10.85 -10.79
N GLN B 152 -3.18 10.45 -9.72
CA GLN B 152 -3.33 9.06 -9.26
C GLN B 152 -4.72 8.86 -8.67
N GLU B 153 -5.24 9.85 -7.95
CA GLU B 153 -6.61 9.79 -7.49
C GLU B 153 -7.56 9.57 -8.66
N ASN B 154 -7.42 10.38 -9.72
CA ASN B 154 -8.25 10.21 -10.90
C ASN B 154 -8.08 8.82 -11.52
N GLU B 155 -6.92 8.20 -11.34
CA GLU B 155 -6.72 6.85 -11.84
C GLU B 155 -7.51 5.83 -11.00
N LEU B 156 -7.73 6.13 -9.73
CA LEU B 156 -8.41 5.21 -8.83
C LEU B 156 -9.80 5.72 -8.48
N SER B 161 -12.04 14.18 -11.53
CA SER B 161 -12.36 13.51 -12.79
C SER B 161 -11.94 14.42 -13.94
N ASP B 162 -12.16 15.72 -13.76
CA ASP B 162 -11.77 16.72 -14.75
C ASP B 162 -10.25 16.83 -14.81
N PRO B 163 -9.58 16.40 -15.88
CA PRO B 163 -8.11 16.40 -15.88
C PRO B 163 -7.49 17.79 -15.86
N ALA B 164 -8.19 18.82 -16.30
CA ALA B 164 -7.59 20.16 -16.37
C ALA B 164 -7.32 20.72 -14.98
N HIS B 165 -8.10 20.30 -13.99
CA HIS B 165 -8.07 20.83 -12.63
C HIS B 165 -7.40 19.87 -11.65
N SER B 166 -6.60 18.93 -12.15
CA SER B 166 -5.96 17.98 -11.27
C SER B 166 -4.65 18.55 -10.72
N LEU B 167 -4.05 17.81 -9.79
CA LEU B 167 -2.71 18.02 -9.26
C LEU B 167 -1.89 16.89 -9.87
N ASN B 168 -1.00 17.23 -10.80
N ASN B 168 -1.02 17.24 -10.81
CA ASN B 168 -0.19 16.24 -11.51
CA ASN B 168 -0.17 16.27 -11.51
C ASN B 168 1.08 15.91 -10.72
C ASN B 168 1.09 15.93 -10.70
N TYR B 169 0.88 15.37 -9.53
CA TYR B 169 2.00 14.89 -8.76
C TYR B 169 2.60 13.67 -9.45
N THR B 170 3.79 13.31 -9.01
CA THR B 170 4.50 12.15 -9.57
C THR B 170 3.87 10.92 -8.94
N VAL B 171 3.34 10.02 -9.78
CA VAL B 171 2.67 8.84 -9.24
C VAL B 171 3.69 7.93 -8.58
N ILE B 172 3.46 7.58 -7.33
CA ILE B 172 4.23 6.58 -6.59
C ILE B 172 3.29 5.45 -6.19
N ASN B 173 3.60 4.23 -6.57
CA ASN B 173 2.70 3.12 -6.30
C ASN B 173 3.53 1.88 -6.06
N PHE B 174 3.55 1.42 -4.83
CA PHE B 174 4.58 0.48 -4.46
C PHE B 174 4.31 -0.86 -5.04
N LYS B 175 3.07 -1.11 -5.37
CA LYS B 175 2.65 -2.39 -5.99
C LYS B 175 2.31 -2.09 -7.45
N SER B 176 3.35 -1.73 -8.19
CA SER B 176 3.27 -1.32 -9.57
C SER B 176 4.44 -1.96 -10.28
N ARG B 177 4.26 -2.25 -11.57
CA ARG B 177 5.38 -2.80 -12.30
C ARG B 177 6.54 -1.80 -12.36
N GLU B 178 6.25 -0.50 -12.40
CA GLU B 178 7.35 0.48 -12.38
C GLU B 178 8.23 0.29 -11.16
N ALA B 179 7.62 -0.04 -10.03
CA ALA B 179 8.31 -0.13 -8.76
C ALA B 179 9.00 -1.46 -8.54
N ILE B 180 8.69 -2.48 -9.33
CA ILE B 180 9.12 -3.84 -9.03
C ILE B 180 9.82 -4.38 -10.27
N ARG B 181 11.12 -4.79 -10.12
CA ARG B 181 11.89 -5.38 -11.22
C ARG B 181 11.49 -6.85 -11.37
N PRO B 182 11.23 -7.33 -12.57
CA PRO B 182 11.04 -8.78 -12.73
C PRO B 182 12.26 -9.52 -12.19
N GLY B 183 12.03 -10.56 -11.43
CA GLY B 183 13.07 -11.34 -10.79
C GLY B 183 13.53 -10.84 -9.44
N HIS B 184 13.15 -9.63 -9.04
CA HIS B 184 13.55 -9.02 -7.78
C HIS B 184 12.32 -8.70 -6.94
N GLU B 185 11.25 -9.48 -7.15
CA GLU B 185 9.95 -9.16 -6.57
C GLU B 185 10.06 -8.86 -5.10
N MET B 186 10.59 -9.83 -4.34
CA MET B 186 10.69 -9.66 -2.90
C MET B 186 11.68 -8.57 -2.56
N GLU B 187 12.84 -8.61 -3.20
CA GLU B 187 13.90 -7.66 -2.86
C GLU B 187 13.41 -6.25 -3.09
N ASP B 188 12.77 -6.01 -4.23
CA ASP B 188 12.30 -4.67 -4.54
C ASP B 188 11.06 -4.25 -3.73
N PHE B 189 10.23 -5.22 -3.27
CA PHE B 189 9.09 -4.81 -2.49
C PHE B 189 9.50 -4.45 -1.07
N LEU B 190 10.39 -5.25 -0.48
CA LEU B 190 10.82 -5.05 0.89
C LEU B 190 11.87 -3.95 1.02
N ASP B 191 12.64 -3.67 -0.03
CA ASP B 191 13.68 -2.65 -0.03
C ASP B 191 13.48 -1.80 -1.28
N LYS B 192 12.91 -0.60 -1.11
CA LYS B 192 12.52 0.15 -2.28
C LYS B 192 13.64 0.94 -2.86
N SER B 193 14.92 0.62 -2.65
CA SER B 193 15.99 1.52 -3.13
C SER B 193 15.99 1.61 -4.63
N TYR B 194 15.67 0.57 -5.35
N TYR B 194 15.69 0.55 -5.34
N TYR B 194 15.68 0.56 -5.35
CA TYR B 194 15.70 0.67 -6.80
CA TYR B 194 15.61 0.56 -6.79
CA TYR B 194 15.68 0.64 -6.81
C TYR B 194 14.63 1.63 -7.31
C TYR B 194 14.64 1.63 -7.26
C TYR B 194 14.64 1.63 -7.30
N TYR B 195 13.42 1.55 -6.77
CA TYR B 195 12.39 2.48 -7.14
C TYR B 195 12.81 3.90 -6.77
N LEU B 196 13.43 4.07 -5.61
CA LEU B 196 13.80 5.44 -5.20
C LEU B 196 14.92 5.99 -6.06
N ASN B 197 16.01 5.25 -6.14
CA ASN B 197 17.23 5.80 -6.73
C ASN B 197 17.24 5.71 -8.25
N THR B 198 16.93 4.53 -8.79
CA THR B 198 16.99 4.40 -10.22
C THR B 198 15.75 4.93 -10.91
N VAL B 199 14.58 4.63 -10.35
CA VAL B 199 13.35 4.95 -11.04
C VAL B 199 12.96 6.41 -10.80
N MET B 200 12.88 6.81 -9.53
CA MET B 200 12.33 8.12 -9.22
C MET B 200 13.37 9.20 -9.37
N LEU B 201 14.52 9.02 -8.72
CA LEU B 201 15.56 10.05 -8.64
C LEU B 201 16.32 10.17 -9.96
N GLN B 202 17.06 9.12 -10.34
N GLN B 202 17.07 9.12 -10.35
CA GLN B 202 17.76 9.14 -11.63
CA GLN B 202 17.76 9.19 -11.64
C GLN B 202 16.77 9.33 -12.77
C GLN B 202 16.76 9.34 -12.78
N GLY B 203 15.68 8.56 -12.76
CA GLY B 203 14.79 8.49 -13.91
C GLY B 203 13.88 9.69 -14.06
N ILE B 204 13.18 10.07 -13.00
CA ILE B 204 12.01 10.94 -13.13
C ILE B 204 12.31 12.34 -12.61
N PHE B 205 12.96 12.43 -11.47
CA PHE B 205 13.25 13.71 -10.84
C PHE B 205 14.62 14.27 -11.20
N LYS B 206 15.56 13.42 -11.61
CA LYS B 206 16.91 13.82 -11.96
C LYS B 206 17.78 14.12 -10.74
N ASN B 207 17.21 14.69 -9.67
CA ASN B 207 18.00 14.96 -8.48
C ASN B 207 17.05 15.03 -7.28
N SER B 208 17.66 14.99 -6.09
CA SER B 208 16.91 14.90 -4.86
C SER B 208 16.28 16.23 -4.56
N SER B 209 16.84 17.32 -5.11
CA SER B 209 16.21 18.63 -4.91
C SER B 209 14.80 18.68 -5.52
N ASN B 210 14.69 18.16 -6.74
CA ASN B 210 13.41 18.20 -7.41
C ASN B 210 12.42 17.33 -6.65
N TYR B 211 12.89 16.17 -6.16
CA TYR B 211 12.09 15.30 -5.32
C TYR B 211 11.65 16.03 -4.05
N PHE B 212 12.58 16.68 -3.38
CA PHE B 212 12.16 17.31 -2.14
C PHE B 212 11.23 18.46 -2.36
N GLY B 213 11.41 19.17 -3.48
CA GLY B 213 10.50 20.26 -3.80
C GLY B 213 9.05 19.79 -3.93
N GLU B 214 8.82 18.67 -4.67
CA GLU B 214 7.46 18.15 -4.82
C GLU B 214 6.87 17.74 -3.47
N LEU B 215 7.59 16.95 -2.68
CA LEU B 215 7.27 16.65 -1.28
C LEU B 215 6.94 17.88 -0.45
N GLN B 216 7.81 18.90 -0.51
CA GLN B 216 7.51 20.08 0.30
C GLN B 216 6.22 20.77 -0.18
N PHE B 217 6.02 20.89 -1.48
CA PHE B 217 4.80 21.45 -2.07
C PHE B 217 3.59 20.61 -1.70
N ALA B 218 3.76 19.28 -1.65
CA ALA B 218 2.60 18.45 -1.29
C ALA B 218 2.22 18.72 0.16
N PHE B 219 3.22 18.81 1.05
CA PHE B 219 2.91 19.09 2.44
C PHE B 219 2.18 20.43 2.53
N LEU B 220 2.65 21.42 1.80
CA LEU B 220 2.05 22.77 1.97
C LEU B 220 0.61 22.83 1.48
N ASN B 221 0.32 22.14 0.37
CA ASN B 221 -1.02 22.08 -0.14
CA ASN B 221 -1.02 22.06 -0.15
C ASN B 221 -1.92 21.31 0.82
N ALA B 222 -1.38 20.26 1.45
CA ALA B 222 -2.16 19.56 2.46
C ALA B 222 -2.45 20.48 3.63
N MET B 223 -1.43 21.18 4.13
CA MET B 223 -1.62 21.95 5.36
C MET B 223 -2.54 23.14 5.13
N PHE B 224 -2.34 23.83 4.02
CA PHE B 224 -2.96 25.14 3.85
C PHE B 224 -4.35 24.97 3.27
N PHE B 225 -4.56 23.93 2.46
CA PHE B 225 -5.85 23.75 1.82
C PHE B 225 -6.63 22.53 2.30
N GLY B 226 -6.08 21.72 3.21
CA GLY B 226 -6.65 20.42 3.54
C GLY B 226 -6.82 19.55 2.33
N ASN B 227 -5.95 19.68 1.35
CA ASN B 227 -6.10 18.93 0.11
C ASN B 227 -5.61 17.51 0.35
N TYR B 228 -6.57 16.58 0.26
CA TYR B 228 -6.32 15.26 0.80
C TYR B 228 -5.29 14.56 -0.04
N GLY B 229 -5.37 14.70 -1.36
CA GLY B 229 -4.42 14.03 -2.25
C GLY B 229 -2.99 14.48 -2.09
N SER B 230 -2.79 15.74 -1.76
CA SER B 230 -1.47 16.24 -1.47
C SER B 230 -0.88 15.51 -0.27
N SER B 231 -1.69 15.33 0.78
CA SER B 231 -1.26 14.64 1.99
C SER B 231 -0.85 13.22 1.68
N LEU B 232 -1.60 12.56 0.79
CA LEU B 232 -1.23 11.22 0.29
C LEU B 232 0.09 11.26 -0.44
N GLN B 233 0.27 12.26 -1.27
CA GLN B 233 1.54 12.39 -2.00
C GLN B 233 2.69 12.65 -1.03
N TRP B 234 2.49 13.58 -0.08
CA TRP B 234 3.50 13.82 0.96
C TRP B 234 3.89 12.54 1.67
N HIS B 235 2.92 11.81 2.23
CA HIS B 235 3.26 10.59 2.96
C HIS B 235 3.96 9.56 2.06
N ALA B 236 3.48 9.40 0.80
CA ALA B 236 4.13 8.42 -0.10
C ALA B 236 5.62 8.71 -0.31
N MET B 237 5.99 9.99 -0.54
CA MET B 237 7.36 10.40 -0.87
C MET B 237 8.29 10.22 0.32
N ILE B 238 7.75 10.44 1.53
CA ILE B 238 8.47 10.13 2.76
C ILE B 238 8.64 8.61 2.83
N GLU B 239 7.55 7.90 2.73
CA GLU B 239 7.60 6.44 2.93
C GLU B 239 8.52 5.78 1.91
N LEU B 240 8.59 6.35 0.71
CA LEU B 240 9.47 5.77 -0.30
C LEU B 240 10.94 5.88 0.14
N ILE B 241 11.30 6.94 0.85
CA ILE B 241 12.69 7.08 1.29
C ILE B 241 12.97 6.17 2.47
N CYS B 242 12.05 6.20 3.44
CA CYS B 242 12.18 5.47 4.69
C CYS B 242 12.21 3.99 4.44
N SER B 243 11.53 3.54 3.39
CA SER B 243 11.49 2.14 3.00
C SER B 243 12.58 1.79 1.99
N SER B 244 13.55 2.65 1.78
CA SER B 244 14.71 2.31 0.97
C SER B 244 15.89 2.07 1.88
N ALA B 245 16.53 0.91 1.72
CA ALA B 245 17.69 0.59 2.53
C ALA B 245 18.87 1.49 2.22
N THR B 246 19.00 1.95 0.99
CA THR B 246 20.19 2.61 0.45
C THR B 246 19.75 4.00 0.02
N VAL B 247 20.04 4.97 0.86
CA VAL B 247 19.71 6.36 0.56
C VAL B 247 20.96 7.20 0.76
N PRO B 248 21.26 8.12 -0.13
CA PRO B 248 22.43 8.99 0.07
C PRO B 248 22.37 9.70 1.42
N LYS B 249 23.53 9.76 2.08
CA LYS B 249 23.58 10.30 3.43
C LYS B 249 23.03 11.71 3.47
N HIS B 250 23.39 12.55 2.50
CA HIS B 250 22.91 13.93 2.45
C HIS B 250 21.39 14.00 2.27
N MET B 251 20.80 13.03 1.59
CA MET B 251 19.36 13.07 1.43
C MET B 251 18.66 12.82 2.76
N LEU B 252 19.14 11.83 3.53
CA LEU B 252 18.58 11.56 4.84
C LEU B 252 18.76 12.74 5.78
N ASP B 253 19.90 13.35 5.74
CA ASP B 253 20.06 14.51 6.61
C ASP B 253 19.10 15.63 6.23
N LYS B 254 18.92 15.89 4.94
CA LYS B 254 18.02 16.97 4.54
C LYS B 254 16.55 16.59 4.83
N LEU B 255 16.18 15.36 4.49
CA LEU B 255 14.85 14.89 4.82
C LEU B 255 14.50 15.13 6.28
N ASP B 256 15.46 14.84 7.19
CA ASP B 256 15.16 15.02 8.61
C ASP B 256 14.86 16.50 8.85
N GLU B 257 15.64 17.36 8.21
CA GLU B 257 15.41 18.79 8.40
C GLU B 257 14.06 19.22 7.83
N ILE B 258 13.76 18.77 6.61
CA ILE B 258 12.50 19.10 5.94
C ILE B 258 11.33 18.71 6.82
N LEU B 259 11.33 17.46 7.30
CA LEU B 259 10.22 16.96 8.10
C LEU B 259 10.15 17.66 9.44
N TYR B 260 11.29 17.98 10.04
CA TYR B 260 11.26 18.63 11.34
C TYR B 260 10.46 19.93 11.22
N TYR B 261 10.83 20.75 10.24
CA TYR B 261 10.06 22.01 10.11
C TYR B 261 8.58 21.81 9.74
N GLN B 262 8.25 20.79 8.93
CA GLN B 262 6.86 20.55 8.58
C GLN B 262 6.07 20.21 9.83
N ILE B 263 6.61 19.31 10.67
CA ILE B 263 5.96 18.93 11.91
C ILE B 263 5.93 20.10 12.88
N LYS B 264 7.02 20.86 12.92
CA LYS B 264 6.99 22.04 13.78
C LYS B 264 5.93 23.04 13.34
N THR B 265 5.70 23.20 12.05
CA THR B 265 4.76 24.23 11.63
C THR B 265 3.32 23.78 11.68
N LEU B 266 3.09 22.47 11.65
CA LEU B 266 1.74 21.92 11.63
C LEU B 266 0.91 22.40 12.80
N PRO B 267 -0.30 22.90 12.58
CA PRO B 267 -1.20 23.17 13.70
C PRO B 267 -1.34 21.93 14.56
N GLU B 268 -1.15 22.12 15.87
CA GLU B 268 -1.31 21.02 16.81
C GLU B 268 -2.68 20.36 16.62
N GLN B 269 -3.70 21.16 16.35
CA GLN B 269 -5.08 20.70 16.28
C GLN B 269 -5.46 20.08 14.94
N TYR B 270 -4.60 20.15 13.93
CA TYR B 270 -4.85 19.51 12.64
C TYR B 270 -4.10 18.19 12.51
N SER B 271 -3.41 17.76 13.55
CA SER B 271 -2.52 16.61 13.43
C SER B 271 -3.30 15.34 13.17
N ASP B 272 -4.55 15.26 13.65
CA ASP B 272 -5.33 14.04 13.50
C ASP B 272 -5.68 13.75 12.05
N ILE B 273 -5.75 14.78 11.21
CA ILE B 273 -6.19 14.61 9.84
C ILE B 273 -5.05 14.69 8.83
N LEU B 274 -3.94 15.35 9.16
CA LEU B 274 -2.88 15.50 8.20
C LEU B 274 -1.75 14.53 8.46
N LEU B 275 -1.87 13.63 9.44
CA LEU B 275 -0.73 12.81 9.79
C LEU B 275 -1.17 11.36 9.80
N ASN B 276 -0.58 10.54 8.94
CA ASN B 276 -0.94 9.12 8.79
C ASN B 276 -0.17 8.31 9.82
N GLU B 277 -0.90 7.77 10.79
CA GLU B 277 -0.28 7.05 11.89
C GLU B 277 0.59 5.90 11.41
N ARG B 278 0.07 5.12 10.45
CA ARG B 278 0.83 3.98 9.98
C ARG B 278 2.15 4.42 9.34
N VAL B 279 2.07 5.38 8.43
CA VAL B 279 3.27 5.79 7.73
C VAL B 279 4.32 6.28 8.71
N TRP B 280 3.93 7.13 9.66
CA TRP B 280 4.92 7.74 10.54
C TRP B 280 5.52 6.72 11.48
N ASN B 281 4.67 5.89 12.12
CA ASN B 281 5.20 4.85 12.99
C ASN B 281 6.13 3.92 12.23
N ILE B 282 5.72 3.50 11.03
CA ILE B 282 6.58 2.68 10.21
C ILE B 282 7.90 3.41 9.97
N CYS B 283 7.81 4.67 9.55
CA CYS B 283 9.01 5.40 9.15
C CYS B 283 9.98 5.57 10.29
N LEU B 284 9.51 5.94 11.50
CA LEU B 284 10.38 6.28 12.62
C LEU B 284 10.83 5.04 13.39
N TYR B 285 10.08 3.95 13.32
CA TYR B 285 10.32 2.83 14.22
C TYR B 285 10.44 1.49 13.54
N SER B 286 9.93 1.31 12.33
CA SER B 286 10.03 0.01 11.65
C SER B 286 10.91 0.02 10.41
N SER B 287 11.20 1.17 9.82
CA SER B 287 11.77 1.18 8.49
C SER B 287 13.29 1.11 8.56
N PHE B 288 13.91 0.99 7.38
CA PHE B 288 15.36 1.01 7.24
C PHE B 288 15.94 2.25 7.87
N GLN B 289 15.26 3.40 7.74
CA GLN B 289 15.72 4.69 8.24
C GLN B 289 15.16 5.04 9.62
N LYS B 290 14.74 4.04 10.39
CA LYS B 290 14.13 4.30 11.69
C LYS B 290 15.06 5.08 12.60
N ASN B 291 16.37 5.00 12.39
CA ASN B 291 17.36 5.58 13.30
C ASN B 291 18.01 6.82 12.73
N SER B 292 17.59 7.26 11.57
CA SER B 292 18.23 8.27 10.76
C SER B 292 17.53 9.61 10.73
N LEU B 293 16.35 9.74 11.34
CA LEU B 293 15.61 10.98 11.32
C LEU B 293 15.56 11.52 12.73
N HIS B 294 16.73 11.96 13.25
CA HIS B 294 16.79 12.20 14.69
C HIS B 294 15.97 13.41 15.07
N ASN B 295 16.15 14.51 14.34
CA ASN B 295 15.37 15.70 14.65
C ASN B 295 13.91 15.44 14.49
N THR B 296 13.50 14.79 13.40
CA THR B 296 12.09 14.54 13.15
C THR B 296 11.50 13.61 14.21
N GLU B 297 12.20 12.52 14.56
CA GLU B 297 11.67 11.65 15.60
C GLU B 297 11.55 12.40 16.93
N LYS B 298 12.48 13.30 17.22
CA LYS B 298 12.41 13.96 18.51
C LYS B 298 11.22 14.91 18.60
N ILE B 299 11.02 15.71 17.55
CA ILE B 299 9.89 16.60 17.56
C ILE B 299 8.60 15.80 17.46
N MET B 300 8.51 14.79 16.60
CA MET B 300 7.28 14.00 16.55
C MET B 300 6.93 13.39 17.90
N GLU B 301 7.90 12.87 18.64
CA GLU B 301 7.64 12.24 19.92
C GLU B 301 7.26 13.27 20.98
N ASN B 302 7.85 14.44 20.94
CA ASN B 302 7.52 15.41 21.98
C ASN B 302 6.27 16.21 21.67
N LYS B 303 5.83 16.20 20.42
CA LYS B 303 4.66 16.99 20.05
C LYS B 303 3.41 16.13 19.84
N TYR B 304 3.57 14.97 19.21
CA TYR B 304 2.43 14.12 18.87
C TYR B 304 2.66 12.67 19.32
N PRO B 305 2.98 12.46 20.59
CA PRO B 305 3.23 11.08 21.03
C PRO B 305 2.00 10.23 20.95
N GLU B 306 0.82 10.83 21.16
CA GLU B 306 -0.45 10.12 21.00
C GLU B 306 -0.46 9.32 19.70
N LEU B 307 -0.05 9.96 18.62
CA LEU B 307 0.00 9.27 17.35
C LEU B 307 0.94 8.07 17.36
N LEU B 308 1.88 8.01 18.29
CA LEU B 308 2.89 6.97 18.26
C LEU B 308 2.81 6.05 19.47
C7 VZ3 C . -5.51 46.47 -7.00
O1 VZ3 C . -7.37 47.83 -13.10
C1 VZ3 C . -5.40 47.34 -11.78
C5 VZ3 C . -3.82 46.80 -10.11
C6 VZ3 C . -4.06 47.10 -11.43
C4 VZ3 C . -4.72 46.73 -9.16
C3 VZ3 C . -6.04 46.95 -9.53
C2 VZ3 C . -6.33 47.22 -10.76
BR VZ3 C . -2.23 46.55 -9.62
O2 VZ3 C . -4.52 46.33 -7.88
S VZ3 C . -5.98 47.88 -13.25
O VZ3 C . -5.35 49.08 -13.47
N VZ3 C . -5.71 46.87 -14.38
C VZ3 C . -6.78 46.06 -14.96
#